data_6OTA
#
_entry.id   6OTA
#
_entity_poly.entity_id   1
_entity_poly.type   'polypeptide(L)'
_entity_poly.pdbx_seq_one_letter_code
;GCCSRPPCIANNPDLC
;
_entity_poly.pdbx_strand_id   A
#
# COMPACT_ATOMS: atom_id res chain seq x y z
N GLY A 1 -7.35 -3.31 1.18
CA GLY A 1 -6.46 -4.46 1.20
C GLY A 1 -5.17 -4.08 1.83
N CYS A 2 -4.19 -4.94 1.76
CA CYS A 2 -2.91 -4.67 2.34
C CYS A 2 -1.79 -5.06 1.42
N CYS A 3 -1.06 -4.08 1.04
CA CYS A 3 0.06 -4.24 0.19
C CYS A 3 1.32 -3.98 0.99
N SER A 4 2.24 -4.90 0.93
CA SER A 4 3.56 -4.71 1.48
C SER A 4 4.52 -4.21 0.38
N ARG A 5 4.02 -4.19 -0.84
CA ARG A 5 4.81 -3.86 -2.01
C ARG A 5 4.15 -2.73 -2.81
N PRO A 6 4.87 -2.13 -3.80
CA PRO A 6 4.30 -1.15 -4.74
C PRO A 6 3.14 -1.79 -5.54
N PRO A 7 2.24 -0.99 -6.14
CA PRO A 7 2.31 0.47 -6.14
C PRO A 7 1.49 1.10 -5.02
N CYS A 8 1.35 0.36 -3.99
CA CYS A 8 0.61 0.80 -2.82
C CYS A 8 1.54 1.54 -1.85
N ILE A 9 2.73 1.88 -2.32
CA ILE A 9 3.76 2.54 -1.50
C ILE A 9 3.43 3.99 -1.25
N ALA A 10 2.55 4.53 -2.04
CA ALA A 10 2.11 5.90 -1.89
C ALA A 10 1.19 6.03 -0.67
N ASN A 11 0.69 7.22 -0.42
CA ASN A 11 -0.21 7.44 0.71
C ASN A 11 -1.58 6.91 0.43
N ASN A 12 -1.71 5.62 0.57
CA ASN A 12 -2.92 4.90 0.36
C ASN A 12 -3.11 3.93 1.51
N PRO A 13 -4.29 3.96 2.17
CA PRO A 13 -4.63 3.05 3.30
C PRO A 13 -4.33 1.56 3.03
N ASP A 14 -4.25 1.16 1.74
CA ASP A 14 -3.91 -0.23 1.37
C ASP A 14 -2.49 -0.59 1.77
N LEU A 15 -1.68 0.39 1.99
CA LEU A 15 -0.33 0.17 2.42
C LEU A 15 -0.33 -0.23 3.88
N CYS A 16 -0.15 -1.49 4.14
CA CYS A 16 -0.15 -2.00 5.49
C CYS A 16 1.25 -2.46 5.81
N GLY A 1 -7.65 -3.98 1.09
CA GLY A 1 -6.68 -5.02 1.40
C GLY A 1 -5.45 -4.42 1.96
N CYS A 2 -4.34 -5.07 1.77
CA CYS A 2 -3.07 -4.58 2.24
C CYS A 2 -1.98 -4.90 1.25
N CYS A 3 -1.21 -3.90 0.94
CA CYS A 3 -0.08 -4.02 0.09
C CYS A 3 1.17 -3.83 0.93
N SER A 4 2.06 -4.79 0.90
CA SER A 4 3.38 -4.63 1.48
C SER A 4 4.35 -4.20 0.40
N ARG A 5 3.85 -4.21 -0.82
CA ARG A 5 4.63 -4.00 -2.00
C ARG A 5 4.02 -2.84 -2.81
N PRO A 6 4.75 -2.32 -3.83
CA PRO A 6 4.21 -1.31 -4.75
C PRO A 6 2.93 -1.81 -5.45
N PRO A 7 2.12 -0.89 -6.01
CA PRO A 7 2.38 0.55 -6.03
C PRO A 7 1.65 1.29 -4.93
N CYS A 8 1.43 0.60 -3.87
CA CYS A 8 0.70 1.13 -2.73
C CYS A 8 1.65 1.82 -1.74
N ILE A 9 2.86 2.15 -2.18
CA ILE A 9 3.89 2.72 -1.29
C ILE A 9 3.59 4.19 -0.98
N ALA A 10 2.90 4.85 -1.88
CA ALA A 10 2.54 6.25 -1.69
C ALA A 10 1.33 6.34 -0.73
N ASN A 11 0.57 7.41 -0.80
CA ASN A 11 -0.56 7.60 0.12
C ASN A 11 -1.72 6.71 -0.24
N ASN A 12 -1.66 5.52 0.28
CA ASN A 12 -2.67 4.53 0.06
C ASN A 12 -2.96 3.84 1.39
N PRO A 13 -4.23 3.84 1.83
CA PRO A 13 -4.64 3.20 3.09
C PRO A 13 -4.35 1.69 3.12
N ASP A 14 -4.18 1.11 1.94
CA ASP A 14 -3.88 -0.31 1.80
C ASP A 14 -2.44 -0.61 2.12
N LEU A 15 -1.63 0.39 2.31
CA LEU A 15 -0.22 0.17 2.65
C LEU A 15 -0.08 -0.36 4.08
N CYS A 16 0.12 -1.64 4.20
CA CYS A 16 0.26 -2.27 5.49
C CYS A 16 1.61 -2.96 5.51
N GLY A 1 -7.19 -3.85 0.19
CA GLY A 1 -6.44 -4.91 0.84
C GLY A 1 -5.02 -4.51 1.00
N CYS A 2 -4.41 -4.93 2.08
CA CYS A 2 -3.05 -4.57 2.41
C CYS A 2 -2.03 -4.94 1.36
N CYS A 3 -1.30 -3.95 0.94
CA CYS A 3 -0.19 -4.14 0.07
C CYS A 3 1.07 -4.06 0.90
N SER A 4 1.89 -5.07 0.83
CA SER A 4 3.16 -5.05 1.50
C SER A 4 4.26 -4.57 0.55
N ARG A 5 3.88 -4.28 -0.67
CA ARG A 5 4.81 -3.96 -1.73
C ARG A 5 4.20 -2.92 -2.68
N PRO A 6 5.01 -2.31 -3.60
CA PRO A 6 4.50 -1.36 -4.62
C PRO A 6 3.41 -1.99 -5.49
N PRO A 7 2.62 -1.19 -6.24
CA PRO A 7 2.76 0.27 -6.32
C PRO A 7 1.88 1.02 -5.34
N CYS A 8 1.58 0.35 -4.28
CA CYS A 8 0.69 0.87 -3.22
C CYS A 8 1.53 1.67 -2.21
N ILE A 9 2.66 2.19 -2.66
CA ILE A 9 3.65 2.87 -1.82
C ILE A 9 3.30 4.32 -1.50
N ALA A 10 2.41 4.89 -2.24
CA ALA A 10 2.01 6.28 -2.03
C ALA A 10 1.07 6.39 -0.83
N ASN A 11 0.42 7.53 -0.66
CA ASN A 11 -0.53 7.71 0.44
C ASN A 11 -1.75 6.85 0.22
N ASN A 12 -1.68 5.68 0.74
CA ASN A 12 -2.69 4.68 0.62
C ASN A 12 -2.91 4.02 1.96
N PRO A 13 -4.16 4.01 2.48
CA PRO A 13 -4.48 3.34 3.75
C PRO A 13 -4.33 1.82 3.67
N ASP A 14 -4.29 1.31 2.46
CA ASP A 14 -4.10 -0.13 2.24
C ASP A 14 -2.65 -0.52 2.26
N LEU A 15 -1.77 0.45 2.41
CA LEU A 15 -0.36 0.15 2.55
C LEU A 15 -0.12 -0.27 3.98
N CYS A 16 0.08 -1.53 4.19
CA CYS A 16 0.24 -2.06 5.52
C CYS A 16 1.65 -2.62 5.65
N GLY A 1 -7.55 -3.39 1.39
CA GLY A 1 -6.58 -4.47 1.30
C GLY A 1 -5.29 -4.05 1.96
N CYS A 2 -4.27 -4.84 1.76
CA CYS A 2 -2.96 -4.56 2.27
C CYS A 2 -1.90 -5.00 1.30
N CYS A 3 -1.10 -4.05 0.92
CA CYS A 3 0.02 -4.28 0.05
C CYS A 3 1.29 -4.11 0.87
N SER A 4 2.14 -5.11 0.84
CA SER A 4 3.44 -5.02 1.48
C SER A 4 4.49 -4.61 0.44
N ARG A 5 4.00 -4.14 -0.70
CA ARG A 5 4.82 -3.85 -1.83
C ARG A 5 4.19 -2.74 -2.67
N PRO A 6 4.95 -2.17 -3.64
CA PRO A 6 4.40 -1.21 -4.60
C PRO A 6 3.26 -1.85 -5.41
N PRO A 7 2.40 -1.05 -6.08
CA PRO A 7 2.51 0.41 -6.12
C PRO A 7 1.64 1.08 -5.08
N CYS A 8 1.43 0.38 -4.02
CA CYS A 8 0.60 0.88 -2.93
C CYS A 8 1.47 1.64 -1.93
N ILE A 9 2.68 1.99 -2.34
CA ILE A 9 3.68 2.66 -1.49
C ILE A 9 3.36 4.12 -1.22
N ALA A 10 2.51 4.68 -2.05
CA ALA A 10 2.07 6.06 -1.90
C ALA A 10 1.14 6.20 -0.69
N ASN A 11 0.56 7.37 -0.48
CA ASN A 11 -0.38 7.58 0.63
C ASN A 11 -1.69 6.91 0.30
N ASN A 12 -1.74 5.66 0.63
CA ASN A 12 -2.85 4.81 0.37
C ASN A 12 -3.09 3.97 1.61
N PRO A 13 -4.35 3.89 2.09
CA PRO A 13 -4.68 3.09 3.29
C PRO A 13 -4.41 1.59 3.10
N ASP A 14 -4.23 1.17 1.85
CA ASP A 14 -3.93 -0.24 1.54
C ASP A 14 -2.48 -0.55 1.78
N LEU A 15 -1.70 0.44 2.08
CA LEU A 15 -0.32 0.20 2.39
C LEU A 15 -0.23 -0.26 3.83
N CYS A 16 0.08 -1.51 4.00
CA CYS A 16 0.22 -2.08 5.30
C CYS A 16 1.64 -2.62 5.43
N GLY A 1 -7.20 -3.97 -0.01
CA GLY A 1 -6.44 -5.03 0.65
C GLY A 1 -5.01 -4.62 0.81
N CYS A 2 -4.43 -4.93 1.96
CA CYS A 2 -3.09 -4.52 2.32
C CYS A 2 -2.01 -4.89 1.32
N CYS A 3 -1.24 -3.91 0.98
CA CYS A 3 -0.10 -4.07 0.14
C CYS A 3 1.12 -3.85 1.01
N SER A 4 2.00 -4.80 1.04
CA SER A 4 3.28 -4.62 1.71
C SER A 4 4.34 -4.18 0.70
N ARG A 5 3.90 -4.08 -0.53
CA ARG A 5 4.71 -3.83 -1.67
C ARG A 5 4.00 -2.82 -2.57
N PRO A 6 4.69 -2.26 -3.60
CA PRO A 6 4.08 -1.36 -4.61
C PRO A 6 2.83 -2.03 -5.26
N PRO A 7 1.94 -1.26 -5.91
CA PRO A 7 2.08 0.18 -6.12
C PRO A 7 1.31 1.01 -5.11
N CYS A 8 1.14 0.46 -3.97
CA CYS A 8 0.41 1.10 -2.88
C CYS A 8 1.37 1.83 -1.94
N ILE A 9 2.57 2.13 -2.45
CA ILE A 9 3.66 2.68 -1.62
C ILE A 9 3.52 4.15 -1.26
N ALA A 10 2.70 4.85 -1.97
CA ALA A 10 2.44 6.26 -1.67
C ALA A 10 1.35 6.35 -0.60
N ASN A 11 0.63 7.46 -0.54
CA ASN A 11 -0.44 7.62 0.43
C ASN A 11 -1.64 6.78 0.05
N ASN A 12 -1.60 5.55 0.48
CA ASN A 12 -2.65 4.61 0.24
C ASN A 12 -2.88 3.87 1.54
N PRO A 13 -4.10 3.92 2.10
CA PRO A 13 -4.44 3.23 3.35
C PRO A 13 -4.17 1.72 3.30
N ASP A 14 -4.07 1.18 2.11
CA ASP A 14 -3.81 -0.24 1.93
C ASP A 14 -2.35 -0.56 2.15
N LEU A 15 -1.51 0.43 2.24
CA LEU A 15 -0.10 0.16 2.48
C LEU A 15 0.07 -0.27 3.91
N CYS A 16 0.25 -1.54 4.11
CA CYS A 16 0.40 -2.10 5.42
C CYS A 16 1.73 -2.83 5.45
N GLY A 1 -6.69 -4.36 -0.13
CA GLY A 1 -6.04 -5.30 0.77
C GLY A 1 -4.68 -4.80 1.13
N CYS A 2 -4.16 -5.19 2.29
CA CYS A 2 -2.86 -4.75 2.76
C CYS A 2 -1.76 -5.03 1.78
N CYS A 3 -1.18 -3.98 1.32
CA CYS A 3 -0.10 -4.05 0.39
C CYS A 3 1.22 -3.99 1.12
N SER A 4 2.05 -4.97 0.89
CA SER A 4 3.44 -4.96 1.28
C SER A 4 4.29 -4.46 0.09
N ARG A 5 3.63 -4.33 -1.05
CA ARG A 5 4.29 -4.01 -2.30
C ARG A 5 3.65 -2.80 -3.03
N PRO A 6 4.40 -2.17 -3.98
CA PRO A 6 3.89 -1.06 -4.82
C PRO A 6 2.67 -1.49 -5.64
N PRO A 7 1.84 -0.53 -6.11
CA PRO A 7 2.05 0.91 -5.97
C PRO A 7 1.36 1.50 -4.75
N CYS A 8 1.27 0.70 -3.75
CA CYS A 8 0.64 1.11 -2.52
C CYS A 8 1.66 1.75 -1.56
N ILE A 9 2.90 1.96 -2.03
CA ILE A 9 3.97 2.48 -1.17
C ILE A 9 3.75 3.98 -0.88
N ALA A 10 3.07 4.63 -1.80
CA ALA A 10 2.73 6.04 -1.70
C ALA A 10 1.57 6.24 -0.71
N ASN A 11 0.83 7.35 -0.86
CA ASN A 11 -0.33 7.61 0.00
C ASN A 11 -1.45 6.67 -0.37
N ASN A 12 -1.44 5.53 0.25
CA ASN A 12 -2.42 4.51 -0.01
C ASN A 12 -2.92 3.95 1.32
N PRO A 13 -4.26 3.88 1.52
CA PRO A 13 -4.86 3.40 2.78
C PRO A 13 -4.61 1.91 3.06
N ASP A 14 -4.33 1.16 2.02
CA ASP A 14 -4.11 -0.28 2.13
C ASP A 14 -2.68 -0.61 2.37
N LEU A 15 -1.84 0.39 2.39
CA LEU A 15 -0.46 0.19 2.71
C LEU A 15 -0.33 -0.18 4.17
N CYS A 16 -0.04 -1.43 4.43
CA CYS A 16 0.09 -1.89 5.78
C CYS A 16 1.54 -2.22 6.05
N GLY A 1 -6.92 -3.99 0.02
CA GLY A 1 -6.31 -4.96 0.94
C GLY A 1 -4.90 -4.58 1.19
N CYS A 2 -4.33 -5.08 2.26
CA CYS A 2 -2.98 -4.75 2.64
C CYS A 2 -1.96 -5.04 1.57
N CYS A 3 -1.28 -4.01 1.17
CA CYS A 3 -0.23 -4.10 0.21
C CYS A 3 1.10 -4.07 0.95
N SER A 4 1.89 -5.06 0.73
CA SER A 4 3.21 -5.12 1.27
C SER A 4 4.23 -4.57 0.26
N ARG A 5 3.75 -4.28 -0.94
CA ARG A 5 4.60 -3.89 -2.04
C ARG A 5 3.95 -2.74 -2.83
N PRO A 6 4.72 -2.09 -3.75
CA PRO A 6 4.20 -1.07 -4.67
C PRO A 6 2.98 -1.59 -5.46
N PRO A 7 2.10 -0.69 -5.97
CA PRO A 7 2.26 0.76 -5.88
C PRO A 7 1.47 1.37 -4.74
N CYS A 8 1.31 0.62 -3.72
CA CYS A 8 0.56 1.07 -2.56
C CYS A 8 1.49 1.78 -1.57
N ILE A 9 2.75 1.94 -1.96
CA ILE A 9 3.76 2.59 -1.12
C ILE A 9 3.49 4.08 -1.00
N ALA A 10 2.79 4.61 -1.99
CA ALA A 10 2.39 5.99 -2.00
C ALA A 10 1.26 6.21 -0.98
N ASN A 11 0.61 7.36 -1.01
CA ASN A 11 -0.43 7.66 -0.03
C ASN A 11 -1.68 6.84 -0.31
N ASN A 12 -1.66 5.64 0.19
CA ASN A 12 -2.70 4.67 0.00
C ASN A 12 -2.97 4.02 1.36
N PRO A 13 -4.25 3.93 1.78
CA PRO A 13 -4.63 3.36 3.09
C PRO A 13 -4.37 1.86 3.21
N ASP A 14 -4.12 1.23 2.07
CA ASP A 14 -3.89 -0.21 2.02
C ASP A 14 -2.44 -0.55 2.31
N LEU A 15 -1.62 0.45 2.49
CA LEU A 15 -0.23 0.22 2.78
C LEU A 15 -0.06 -0.31 4.20
N CYS A 16 0.17 -1.59 4.30
CA CYS A 16 0.37 -2.24 5.56
C CYS A 16 1.79 -2.79 5.59
N GLY A 1 -6.97 -4.19 -0.16
CA GLY A 1 -6.28 -5.17 0.67
C GLY A 1 -4.89 -4.68 0.94
N CYS A 2 -4.37 -5.03 2.09
CA CYS A 2 -3.05 -4.60 2.50
C CYS A 2 -1.95 -5.01 1.53
N CYS A 3 -1.24 -4.01 1.08
CA CYS A 3 -0.14 -4.19 0.19
C CYS A 3 1.14 -4.02 0.98
N SER A 4 2.00 -4.98 0.93
CA SER A 4 3.32 -4.85 1.47
C SER A 4 4.32 -4.44 0.36
N ARG A 5 3.79 -4.19 -0.83
CA ARG A 5 4.59 -3.86 -2.00
C ARG A 5 3.93 -2.72 -2.79
N PRO A 6 4.66 -2.11 -3.77
CA PRO A 6 4.09 -1.13 -4.71
C PRO A 6 2.86 -1.71 -5.45
N PRO A 7 1.99 -0.85 -6.02
CA PRO A 7 2.14 0.61 -6.02
C PRO A 7 1.38 1.27 -4.88
N CYS A 8 1.25 0.54 -3.84
CA CYS A 8 0.55 1.00 -2.66
C CYS A 8 1.50 1.69 -1.68
N ILE A 9 2.74 1.97 -2.11
CA ILE A 9 3.77 2.56 -1.21
C ILE A 9 3.52 4.08 -1.06
N ALA A 10 2.77 4.64 -1.98
CA ALA A 10 2.39 6.06 -1.95
C ALA A 10 1.34 6.29 -0.85
N ASN A 11 0.64 7.42 -0.89
CA ASN A 11 -0.42 7.67 0.09
C ASN A 11 -1.60 6.77 -0.21
N ASN A 12 -1.54 5.59 0.32
CA ASN A 12 -2.55 4.60 0.14
C ASN A 12 -2.82 3.95 1.49
N PRO A 13 -4.09 3.96 1.96
CA PRO A 13 -4.48 3.40 3.26
C PRO A 13 -4.35 1.87 3.33
N ASP A 14 -4.14 1.25 2.19
CA ASP A 14 -3.97 -0.19 2.11
C ASP A 14 -2.51 -0.56 2.27
N LEU A 15 -1.66 0.44 2.39
CA LEU A 15 -0.26 0.20 2.65
C LEU A 15 -0.11 -0.23 4.09
N CYS A 16 0.12 -1.49 4.30
CA CYS A 16 0.24 -2.01 5.62
C CYS A 16 1.63 -2.59 5.79
N GLY A 1 -6.83 -3.90 -0.66
CA GLY A 1 -6.20 -4.80 0.30
C GLY A 1 -4.85 -4.28 0.67
N CYS A 2 -4.34 -4.74 1.77
CA CYS A 2 -3.06 -4.31 2.26
C CYS A 2 -1.90 -4.72 1.35
N CYS A 3 -1.13 -3.74 0.98
CA CYS A 3 0.05 -3.92 0.19
C CYS A 3 1.24 -3.73 1.10
N SER A 4 2.09 -4.70 1.18
CA SER A 4 3.34 -4.58 1.88
C SER A 4 4.47 -4.22 0.90
N ARG A 5 4.08 -3.99 -0.34
CA ARG A 5 4.98 -3.84 -1.46
C ARG A 5 4.26 -3.01 -2.53
N PRO A 6 4.97 -2.53 -3.59
CA PRO A 6 4.35 -1.84 -4.75
C PRO A 6 3.15 -2.66 -5.33
N PRO A 7 2.27 -2.03 -6.15
CA PRO A 7 2.42 -0.65 -6.63
C PRO A 7 1.73 0.37 -5.75
N CYS A 8 1.53 -0.01 -4.55
CA CYS A 8 0.91 0.85 -3.56
C CYS A 8 2.03 1.62 -2.86
N ILE A 9 2.53 2.63 -3.55
CA ILE A 9 3.64 3.41 -3.09
C ILE A 9 3.18 4.49 -2.12
N ALA A 10 2.17 5.19 -2.53
CA ALA A 10 1.68 6.38 -1.84
C ALA A 10 1.03 6.04 -0.52
N ASN A 11 0.86 7.05 0.31
CA ASN A 11 0.25 6.89 1.61
C ASN A 11 -1.23 6.71 1.48
N ASN A 12 -1.59 5.49 1.33
CA ASN A 12 -2.93 5.04 1.17
C ASN A 12 -3.24 4.08 2.30
N PRO A 13 -4.46 4.07 2.85
CA PRO A 13 -4.86 3.15 3.94
C PRO A 13 -4.59 1.67 3.67
N ASP A 14 -4.50 1.30 2.40
CA ASP A 14 -4.23 -0.08 2.01
C ASP A 14 -2.74 -0.37 2.05
N LEU A 15 -1.94 0.61 2.34
CA LEU A 15 -0.54 0.39 2.50
C LEU A 15 -0.30 -0.05 3.93
N CYS A 16 -0.04 -1.31 4.10
CA CYS A 16 0.13 -1.86 5.41
C CYS A 16 1.48 -2.55 5.47
N GLY A 1 -7.11 -3.39 0.37
CA GLY A 1 -6.39 -4.43 1.09
C GLY A 1 -5.14 -3.87 1.72
N CYS A 2 -4.13 -4.68 1.82
CA CYS A 2 -2.87 -4.29 2.36
C CYS A 2 -1.75 -4.78 1.49
N CYS A 3 -0.95 -3.87 1.08
CA CYS A 3 0.20 -4.14 0.27
C CYS A 3 1.45 -3.90 1.08
N SER A 4 2.28 -4.90 1.16
CA SER A 4 3.63 -4.78 1.70
C SER A 4 4.62 -4.55 0.52
N ARG A 5 4.05 -4.37 -0.65
CA ARG A 5 4.78 -4.27 -1.90
C ARG A 5 4.13 -3.21 -2.77
N PRO A 6 4.80 -2.76 -3.87
CA PRO A 6 4.22 -1.82 -4.84
C PRO A 6 2.94 -2.41 -5.49
N PRO A 7 2.11 -1.59 -6.15
CA PRO A 7 2.35 -0.16 -6.34
C PRO A 7 1.62 0.69 -5.31
N CYS A 8 1.42 0.12 -4.18
CA CYS A 8 0.73 0.78 -3.09
C CYS A 8 1.79 1.52 -2.24
N ILE A 9 2.57 2.34 -2.93
CA ILE A 9 3.70 3.04 -2.33
C ILE A 9 3.31 4.32 -1.59
N ALA A 10 2.26 4.93 -2.01
CA ALA A 10 1.82 6.18 -1.41
C ALA A 10 0.98 5.91 -0.18
N ASN A 11 0.86 6.92 0.69
CA ASN A 11 0.05 6.82 1.90
C ASN A 11 -1.41 6.74 1.56
N ASN A 12 -1.84 5.55 1.38
CA ASN A 12 -3.16 5.17 0.99
C ASN A 12 -3.54 4.00 1.89
N PRO A 13 -4.84 3.78 2.17
CA PRO A 13 -5.30 2.65 3.00
C PRO A 13 -4.70 1.28 2.63
N ASP A 14 -4.28 1.12 1.37
CA ASP A 14 -3.65 -0.13 0.92
C ASP A 14 -2.21 -0.24 1.35
N LEU A 15 -1.63 0.84 1.79
CA LEU A 15 -0.27 0.80 2.28
C LEU A 15 -0.29 0.31 3.71
N CYS A 16 0.18 -0.88 3.90
CA CYS A 16 0.23 -1.44 5.23
C CYS A 16 1.64 -1.92 5.51
N GLY A 1 -7.50 -3.61 1.12
CA GLY A 1 -6.57 -4.72 1.16
C GLY A 1 -5.30 -4.30 1.81
N CYS A 2 -4.27 -5.08 1.66
CA CYS A 2 -2.98 -4.76 2.21
C CYS A 2 -1.87 -5.11 1.26
N CYS A 3 -1.16 -4.10 0.88
CA CYS A 3 -0.01 -4.22 0.04
C CYS A 3 1.22 -3.91 0.88
N SER A 4 2.18 -4.80 0.91
CA SER A 4 3.43 -4.53 1.57
C SER A 4 4.44 -3.97 0.56
N ARG A 5 4.07 -4.08 -0.70
CA ARG A 5 4.91 -3.72 -1.82
C ARG A 5 4.18 -2.71 -2.72
N PRO A 6 4.90 -2.08 -3.70
CA PRO A 6 4.30 -1.16 -4.69
C PRO A 6 3.13 -1.81 -5.46
N PRO A 7 2.27 -0.99 -6.10
CA PRO A 7 2.38 0.47 -6.13
C PRO A 7 1.50 1.15 -5.08
N CYS A 8 1.24 0.42 -4.06
CA CYS A 8 0.39 0.89 -2.96
C CYS A 8 1.28 1.60 -1.92
N ILE A 9 2.53 1.82 -2.30
CA ILE A 9 3.54 2.42 -1.44
C ILE A 9 3.32 3.90 -1.17
N ALA A 10 2.54 4.53 -2.00
CA ALA A 10 2.22 5.94 -1.89
C ALA A 10 1.28 6.17 -0.68
N ASN A 11 0.71 7.36 -0.59
CA ASN A 11 -0.27 7.63 0.46
C ASN A 11 -1.56 6.93 0.16
N ASN A 12 -1.57 5.69 0.52
CA ASN A 12 -2.64 4.79 0.28
C ASN A 12 -2.87 3.98 1.56
N PRO A 13 -4.10 3.97 2.11
CA PRO A 13 -4.41 3.21 3.33
C PRO A 13 -4.29 1.68 3.15
N ASP A 14 -4.10 1.23 1.90
CA ASP A 14 -3.89 -0.19 1.59
C ASP A 14 -2.48 -0.61 1.89
N LEU A 15 -1.63 0.35 2.14
CA LEU A 15 -0.27 0.06 2.50
C LEU A 15 -0.23 -0.36 3.95
N CYS A 16 -0.07 -1.63 4.17
CA CYS A 16 -0.04 -2.15 5.50
C CYS A 16 1.39 -2.60 5.81
N GLY A 1 -7.06 -4.14 0.03
CA GLY A 1 -6.38 -5.10 0.88
C GLY A 1 -4.96 -4.69 1.06
N CYS A 2 -4.38 -5.06 2.19
CA CYS A 2 -3.02 -4.65 2.56
C CYS A 2 -1.96 -5.02 1.53
N CYS A 3 -1.23 -4.02 1.15
CA CYS A 3 -0.13 -4.15 0.24
C CYS A 3 1.16 -3.92 1.01
N SER A 4 2.07 -4.85 0.94
CA SER A 4 3.39 -4.66 1.50
C SER A 4 4.32 -4.14 0.40
N ARG A 5 3.86 -4.28 -0.83
CA ARG A 5 4.60 -3.97 -2.03
C ARG A 5 3.95 -2.76 -2.75
N PRO A 6 4.65 -2.16 -3.74
CA PRO A 6 4.08 -1.14 -4.61
C PRO A 6 2.86 -1.70 -5.40
N PRO A 7 2.00 -0.83 -5.96
CA PRO A 7 2.14 0.62 -5.93
C PRO A 7 1.37 1.26 -4.81
N CYS A 8 1.20 0.53 -3.78
CA CYS A 8 0.48 1.00 -2.62
C CYS A 8 1.43 1.73 -1.66
N ILE A 9 2.69 1.86 -2.08
CA ILE A 9 3.72 2.54 -1.28
C ILE A 9 3.50 4.04 -1.19
N ALA A 10 2.68 4.55 -2.09
CA ALA A 10 2.23 5.94 -2.06
C ALA A 10 1.34 6.14 -0.81
N ASN A 11 0.75 7.31 -0.64
CA ASN A 11 -0.13 7.49 0.52
C ASN A 11 -1.47 6.84 0.24
N ASN A 12 -1.47 5.56 0.40
CA ASN A 12 -2.59 4.72 0.13
C ASN A 12 -2.93 3.99 1.41
N PRO A 13 -4.20 3.96 1.82
CA PRO A 13 -4.63 3.30 3.07
C PRO A 13 -4.36 1.79 3.09
N ASP A 14 -4.18 1.21 1.91
CA ASP A 14 -3.90 -0.22 1.79
C ASP A 14 -2.45 -0.53 2.07
N LEU A 15 -1.64 0.49 2.26
CA LEU A 15 -0.25 0.27 2.57
C LEU A 15 -0.11 -0.19 4.00
N CYS A 16 0.15 -1.44 4.16
CA CYS A 16 0.34 -2.01 5.46
C CYS A 16 1.77 -2.53 5.53
N GLY A 1 -7.32 -3.53 1.33
CA GLY A 1 -6.43 -4.66 1.53
C GLY A 1 -5.13 -4.21 2.08
N CYS A 2 -4.15 -5.06 2.03
CA CYS A 2 -2.83 -4.73 2.51
C CYS A 2 -1.79 -5.09 1.50
N CYS A 3 -1.14 -4.09 1.03
CA CYS A 3 -0.07 -4.24 0.10
C CYS A 3 1.25 -4.14 0.85
N SER A 4 2.08 -5.12 0.70
CA SER A 4 3.40 -5.09 1.25
C SER A 4 4.39 -4.56 0.21
N ARG A 5 3.90 -4.48 -1.01
CA ARG A 5 4.68 -4.07 -2.15
C ARG A 5 4.04 -2.81 -2.77
N PRO A 6 4.77 -2.12 -3.69
CA PRO A 6 4.20 -1.02 -4.48
C PRO A 6 3.00 -1.53 -5.33
N PRO A 7 2.19 -0.64 -5.89
CA PRO A 7 2.35 0.81 -5.80
C PRO A 7 1.47 1.42 -4.72
N CYS A 8 1.23 0.65 -3.71
CA CYS A 8 0.40 1.07 -2.59
C CYS A 8 1.26 1.74 -1.53
N ILE A 9 2.56 1.84 -1.79
CA ILE A 9 3.52 2.43 -0.86
C ILE A 9 3.37 3.94 -0.73
N ALA A 10 2.71 4.51 -1.69
CA ALA A 10 2.40 5.94 -1.71
C ALA A 10 1.31 6.23 -0.66
N ASN A 11 0.66 7.36 -0.76
CA ASN A 11 -0.42 7.69 0.16
C ASN A 11 -1.67 6.94 -0.23
N ASN A 12 -1.69 5.71 0.17
CA ASN A 12 -2.72 4.77 -0.13
C ASN A 12 -3.04 4.00 1.16
N PRO A 13 -4.33 3.88 1.54
CA PRO A 13 -4.75 3.17 2.76
C PRO A 13 -4.41 1.67 2.76
N ASP A 14 -4.14 1.14 1.59
CA ASP A 14 -3.77 -0.27 1.42
C ASP A 14 -2.35 -0.54 1.82
N LEU A 15 -1.63 0.49 2.17
CA LEU A 15 -0.27 0.31 2.61
C LEU A 15 -0.21 -0.29 4.00
N CYS A 16 0.18 -1.52 4.06
CA CYS A 16 0.41 -2.19 5.30
C CYS A 16 1.82 -2.72 5.26
N GLY A 1 -6.98 -3.83 -0.28
CA GLY A 1 -6.32 -4.81 0.58
C GLY A 1 -4.94 -4.35 0.87
N CYS A 2 -4.34 -4.84 1.93
CA CYS A 2 -3.02 -4.44 2.33
C CYS A 2 -1.95 -4.83 1.35
N CYS A 3 -1.25 -3.83 0.91
CA CYS A 3 -0.09 -4.03 0.10
C CYS A 3 1.11 -3.82 0.99
N SER A 4 1.97 -4.79 1.07
CA SER A 4 3.22 -4.66 1.77
C SER A 4 4.32 -4.28 0.77
N ARG A 5 3.92 -4.14 -0.47
CA ARG A 5 4.83 -3.98 -1.57
C ARG A 5 4.25 -2.97 -2.56
N PRO A 6 5.06 -2.50 -3.56
CA PRO A 6 4.56 -1.66 -4.65
C PRO A 6 3.41 -2.38 -5.42
N PRO A 7 2.65 -1.65 -6.23
CA PRO A 7 2.83 -0.23 -6.50
C PRO A 7 1.95 0.65 -5.61
N CYS A 8 1.64 0.11 -4.49
CA CYS A 8 0.79 0.77 -3.49
C CYS A 8 1.67 1.62 -2.56
N ILE A 9 2.66 2.28 -3.15
CA ILE A 9 3.66 3.04 -2.42
C ILE A 9 3.13 4.38 -1.91
N ALA A 10 2.11 4.89 -2.55
CA ALA A 10 1.50 6.14 -2.14
C ALA A 10 0.79 5.97 -0.80
N ASN A 11 0.73 7.05 -0.03
CA ASN A 11 0.16 7.07 1.30
C ASN A 11 -1.33 6.81 1.23
N ASN A 12 -1.66 5.58 1.35
CA ASN A 12 -3.01 5.09 1.22
C ASN A 12 -3.21 4.08 2.35
N PRO A 13 -4.40 4.05 2.99
CA PRO A 13 -4.71 3.09 4.07
C PRO A 13 -4.46 1.62 3.67
N ASP A 14 -4.47 1.31 2.38
CA ASP A 14 -4.18 -0.04 1.90
C ASP A 14 -2.70 -0.35 1.94
N LEU A 15 -1.89 0.65 2.20
CA LEU A 15 -0.48 0.44 2.37
C LEU A 15 -0.26 0.00 3.80
N CYS A 16 0.07 -1.23 3.97
CA CYS A 16 0.26 -1.78 5.27
C CYS A 16 1.69 -2.26 5.41
N GLY A 1 -7.06 -3.98 -0.06
CA GLY A 1 -6.39 -5.01 0.70
C GLY A 1 -4.97 -4.60 0.95
N CYS A 2 -4.45 -4.94 2.11
CA CYS A 2 -3.12 -4.56 2.52
C CYS A 2 -2.03 -5.01 1.54
N CYS A 3 -1.30 -4.03 1.08
CA CYS A 3 -0.20 -4.21 0.18
C CYS A 3 1.08 -4.16 0.98
N SER A 4 1.90 -5.17 0.86
CA SER A 4 3.19 -5.17 1.49
C SER A 4 4.27 -4.68 0.50
N ARG A 5 3.83 -4.18 -0.65
CA ARG A 5 4.70 -3.80 -1.74
C ARG A 5 4.01 -2.71 -2.57
N PRO A 6 4.75 -2.05 -3.52
CA PRO A 6 4.16 -1.11 -4.48
C PRO A 6 2.98 -1.76 -5.27
N PRO A 7 2.12 -0.97 -5.95
CA PRO A 7 2.22 0.50 -6.06
C PRO A 7 1.49 1.23 -4.96
N CYS A 8 1.32 0.56 -3.89
CA CYS A 8 0.59 1.08 -2.75
C CYS A 8 1.52 1.85 -1.81
N ILE A 9 2.75 2.10 -2.28
CA ILE A 9 3.78 2.82 -1.52
C ILE A 9 3.47 4.30 -1.39
N ALA A 10 2.58 4.78 -2.24
CA ALA A 10 2.11 6.15 -2.19
C ALA A 10 1.17 6.32 -0.97
N ASN A 11 0.48 7.44 -0.87
CA ASN A 11 -0.41 7.66 0.27
C ASN A 11 -1.68 6.86 0.09
N ASN A 12 -1.57 5.60 0.37
CA ASN A 12 -2.63 4.65 0.25
C ASN A 12 -2.83 3.98 1.60
N PRO A 13 -4.09 3.92 2.09
CA PRO A 13 -4.41 3.29 3.39
C PRO A 13 -4.17 1.78 3.37
N ASP A 14 -4.10 1.21 2.18
CA ASP A 14 -3.87 -0.21 2.02
C ASP A 14 -2.41 -0.55 2.16
N LEU A 15 -1.57 0.43 2.34
CA LEU A 15 -0.17 0.17 2.57
C LEU A 15 0.03 -0.28 4.00
N CYS A 16 0.19 -1.55 4.18
CA CYS A 16 0.34 -2.12 5.48
C CYS A 16 1.67 -2.84 5.54
N GLY A 1 -7.36 -3.61 1.42
CA GLY A 1 -6.53 -4.74 1.81
C GLY A 1 -5.19 -4.26 2.25
N CYS A 2 -4.18 -5.06 2.03
CA CYS A 2 -2.85 -4.71 2.42
C CYS A 2 -1.84 -5.03 1.34
N CYS A 3 -1.09 -4.03 1.00
CA CYS A 3 -0.01 -4.15 0.07
C CYS A 3 1.29 -3.97 0.82
N SER A 4 2.18 -4.91 0.70
CA SER A 4 3.52 -4.77 1.21
C SER A 4 4.42 -4.24 0.10
N ARG A 5 3.96 -4.43 -1.12
CA ARG A 5 4.66 -4.08 -2.32
C ARG A 5 3.98 -2.87 -3.00
N PRO A 6 4.63 -2.24 -4.03
CA PRO A 6 4.04 -1.11 -4.77
C PRO A 6 2.71 -1.50 -5.45
N PRO A 7 1.89 -0.52 -5.87
CA PRO A 7 2.16 0.91 -5.73
C PRO A 7 1.46 1.50 -4.53
N CYS A 8 1.24 0.68 -3.59
CA CYS A 8 0.50 1.04 -2.39
C CYS A 8 1.43 1.58 -1.30
N ILE A 9 2.72 1.75 -1.60
CA ILE A 9 3.67 2.20 -0.58
C ILE A 9 3.54 3.72 -0.39
N ALA A 10 2.95 4.35 -1.38
CA ALA A 10 2.66 5.77 -1.37
C ALA A 10 1.44 6.06 -0.46
N ASN A 11 0.82 7.22 -0.62
CA ASN A 11 -0.36 7.53 0.17
C ASN A 11 -1.57 6.79 -0.36
N ASN A 12 -1.69 5.56 0.07
CA ASN A 12 -2.75 4.67 -0.30
C ASN A 12 -3.22 3.94 0.97
N PRO A 13 -4.54 3.72 1.13
CA PRO A 13 -5.09 3.06 2.35
C PRO A 13 -4.61 1.61 2.54
N ASP A 14 -4.17 0.98 1.47
CA ASP A 14 -3.72 -0.41 1.48
C ASP A 14 -2.29 -0.52 1.95
N LEU A 15 -1.68 0.63 2.23
CA LEU A 15 -0.33 0.70 2.77
C LEU A 15 -0.23 -0.05 4.10
N CYS A 16 0.28 -1.24 4.05
CA CYS A 16 0.50 -2.02 5.22
C CYS A 16 1.93 -2.51 5.18
N GLY A 1 -7.01 -3.86 -0.47
CA GLY A 1 -6.21 -4.96 0.03
C GLY A 1 -4.89 -4.46 0.48
N CYS A 2 -4.41 -4.96 1.60
CA CYS A 2 -3.16 -4.50 2.17
C CYS A 2 -2.00 -4.66 1.24
N CYS A 3 -1.36 -3.58 0.95
CA CYS A 3 -0.19 -3.59 0.16
C CYS A 3 0.97 -3.45 1.09
N SER A 4 1.86 -4.39 1.03
CA SER A 4 3.09 -4.31 1.77
C SER A 4 4.17 -3.73 0.89
N ARG A 5 3.87 -3.65 -0.38
CA ARG A 5 4.83 -3.38 -1.41
C ARG A 5 4.15 -2.62 -2.54
N PRO A 6 4.93 -2.07 -3.51
CA PRO A 6 4.39 -1.46 -4.73
C PRO A 6 3.35 -2.39 -5.45
N PRO A 7 2.50 -1.86 -6.35
CA PRO A 7 2.53 -0.48 -6.83
C PRO A 7 1.81 0.50 -5.93
N CYS A 8 1.62 0.08 -4.74
CA CYS A 8 1.02 0.91 -3.73
C CYS A 8 2.14 1.66 -3.02
N ILE A 9 2.76 2.56 -3.75
CA ILE A 9 3.88 3.35 -3.26
C ILE A 9 3.36 4.56 -2.47
N ALA A 10 2.21 5.05 -2.87
CA ALA A 10 1.61 6.23 -2.29
C ALA A 10 1.07 5.93 -0.91
N ASN A 11 0.83 6.98 -0.12
CA ASN A 11 0.28 6.82 1.22
C ASN A 11 -1.16 6.39 1.13
N ASN A 12 -1.33 5.13 1.10
CA ASN A 12 -2.58 4.49 0.93
C ASN A 12 -2.97 3.86 2.26
N PRO A 13 -4.24 4.00 2.71
CA PRO A 13 -4.73 3.34 3.93
C PRO A 13 -4.54 1.81 3.88
N ASP A 14 -4.39 1.29 2.66
CA ASP A 14 -4.13 -0.12 2.45
C ASP A 14 -2.69 -0.50 2.71
N LEU A 15 -1.84 0.46 3.03
CA LEU A 15 -0.46 0.14 3.37
C LEU A 15 -0.41 -0.46 4.74
N CYS A 16 -0.24 -1.74 4.77
CA CYS A 16 -0.18 -2.45 6.00
C CYS A 16 1.22 -2.94 6.18
N GLY A 1 -7.16 -4.26 0.10
CA GLY A 1 -6.47 -5.12 1.05
C GLY A 1 -5.03 -4.74 1.16
N CYS A 2 -4.39 -5.10 2.26
CA CYS A 2 -3.02 -4.73 2.57
C CYS A 2 -2.01 -5.05 1.49
N CYS A 3 -1.34 -4.02 1.06
CA CYS A 3 -0.24 -4.11 0.15
C CYS A 3 1.00 -3.87 0.96
N SER A 4 1.94 -4.75 0.91
CA SER A 4 3.18 -4.53 1.56
C SER A 4 4.19 -3.90 0.57
N ARG A 5 3.82 -3.95 -0.70
CA ARG A 5 4.68 -3.51 -1.79
C ARG A 5 3.94 -2.46 -2.66
N PRO A 6 4.66 -1.76 -3.59
CA PRO A 6 4.05 -0.84 -4.57
C PRO A 6 2.94 -1.54 -5.40
N PRO A 7 2.04 -0.77 -6.06
CA PRO A 7 2.06 0.70 -6.11
C PRO A 7 1.32 1.34 -4.97
N CYS A 8 1.12 0.58 -3.98
CA CYS A 8 0.42 1.01 -2.77
C CYS A 8 1.45 1.61 -1.80
N ILE A 9 2.67 1.82 -2.30
CA ILE A 9 3.79 2.32 -1.51
C ILE A 9 3.62 3.82 -1.28
N ALA A 10 2.79 4.41 -2.10
CA ALA A 10 2.45 5.82 -2.00
C ALA A 10 1.51 6.04 -0.80
N ASN A 11 0.93 7.22 -0.71
CA ASN A 11 -0.04 7.49 0.36
C ASN A 11 -1.31 6.76 0.03
N ASN A 12 -1.37 5.55 0.46
CA ASN A 12 -2.46 4.67 0.18
C ASN A 12 -2.86 3.95 1.46
N PRO A 13 -4.17 3.87 1.76
CA PRO A 13 -4.69 3.23 2.98
C PRO A 13 -4.38 1.74 3.08
N ASP A 14 -4.13 1.11 1.94
CA ASP A 14 -3.90 -0.32 1.90
C ASP A 14 -2.46 -0.65 2.18
N LEU A 15 -1.63 0.34 2.32
CA LEU A 15 -0.25 0.10 2.62
C LEU A 15 -0.10 -0.31 4.06
N CYS A 16 0.13 -1.57 4.27
CA CYS A 16 0.29 -2.11 5.57
C CYS A 16 1.73 -2.49 5.76
N GLY A 1 -7.46 -3.60 1.75
CA GLY A 1 -6.62 -4.78 1.94
C GLY A 1 -5.26 -4.36 2.39
N CYS A 2 -4.26 -5.15 2.11
CA CYS A 2 -2.92 -4.82 2.49
C CYS A 2 -1.94 -5.10 1.37
N CYS A 3 -1.19 -4.10 1.05
CA CYS A 3 -0.12 -4.19 0.10
C CYS A 3 1.18 -4.07 0.85
N SER A 4 2.04 -5.02 0.69
CA SER A 4 3.40 -4.86 1.14
C SER A 4 4.21 -4.35 -0.07
N ARG A 5 3.65 -4.63 -1.24
CA ARG A 5 4.23 -4.28 -2.52
C ARG A 5 3.84 -2.86 -2.96
N PRO A 6 4.62 -2.28 -3.88
CA PRO A 6 4.24 -1.05 -4.55
C PRO A 6 3.09 -1.36 -5.53
N PRO A 7 2.34 -0.38 -6.00
CA PRO A 7 2.56 1.04 -5.74
C PRO A 7 1.69 1.56 -4.61
N CYS A 8 1.50 0.75 -3.65
CA CYS A 8 0.69 1.12 -2.51
C CYS A 8 1.55 1.80 -1.43
N ILE A 9 2.83 2.05 -1.74
CA ILE A 9 3.77 2.64 -0.77
C ILE A 9 3.55 4.16 -0.65
N ALA A 10 2.88 4.72 -1.64
CA ALA A 10 2.53 6.14 -1.64
C ALA A 10 1.33 6.35 -0.69
N ASN A 11 0.64 7.46 -0.81
CA ASN A 11 -0.57 7.66 0.00
C ASN A 11 -1.68 6.78 -0.51
N ASN A 12 -1.67 5.58 -0.03
CA ASN A 12 -2.62 4.55 -0.35
C ASN A 12 -3.00 3.86 0.95
N PRO A 13 -4.30 3.68 1.24
CA PRO A 13 -4.76 3.11 2.52
C PRO A 13 -4.50 1.60 2.67
N ASP A 14 -4.06 0.96 1.61
CA ASP A 14 -3.80 -0.47 1.64
C ASP A 14 -2.38 -0.74 2.06
N LEU A 15 -1.60 0.30 2.22
CA LEU A 15 -0.23 0.14 2.66
C LEU A 15 -0.19 -0.36 4.10
N CYS A 16 0.12 -1.59 4.26
CA CYS A 16 0.26 -2.16 5.58
C CYS A 16 1.71 -2.48 5.82
N GLY A 1 -7.43 -3.38 1.36
CA GLY A 1 -6.64 -4.57 1.57
C GLY A 1 -5.30 -4.21 2.10
N CYS A 2 -4.34 -5.08 1.93
CA CYS A 2 -3.01 -4.85 2.40
C CYS A 2 -1.97 -5.19 1.37
N CYS A 3 -1.22 -4.20 1.02
CA CYS A 3 -0.13 -4.33 0.09
C CYS A 3 1.15 -4.38 0.87
N SER A 4 1.98 -5.33 0.56
CA SER A 4 3.26 -5.46 1.20
C SER A 4 4.35 -4.75 0.39
N ARG A 5 3.96 -4.28 -0.78
CA ARG A 5 4.87 -3.66 -1.71
C ARG A 5 4.10 -2.61 -2.53
N PRO A 6 4.80 -1.76 -3.32
CA PRO A 6 4.16 -0.80 -4.25
C PRO A 6 3.11 -1.49 -5.17
N PRO A 7 2.23 -0.69 -5.84
CA PRO A 7 2.25 0.77 -5.84
C PRO A 7 1.40 1.38 -4.74
N CYS A 8 1.28 0.66 -3.70
CA CYS A 8 0.51 1.12 -2.54
C CYS A 8 1.45 1.89 -1.59
N ILE A 9 2.69 2.12 -2.05
CA ILE A 9 3.73 2.78 -1.25
C ILE A 9 3.48 4.28 -1.18
N ALA A 10 2.69 4.75 -2.10
CA ALA A 10 2.23 6.14 -2.14
C ALA A 10 1.20 6.35 -1.01
N ASN A 11 0.51 7.47 -1.03
CA ASN A 11 -0.48 7.74 0.00
C ASN A 11 -1.74 6.96 -0.29
N ASN A 12 -1.70 5.70 0.08
CA ASN A 12 -2.76 4.76 -0.10
C ASN A 12 -2.88 3.95 1.20
N PRO A 13 -4.08 3.93 1.81
CA PRO A 13 -4.34 3.18 3.08
C PRO A 13 -4.07 1.67 2.98
N ASP A 14 -4.01 1.15 1.74
CA ASP A 14 -3.75 -0.28 1.50
C ASP A 14 -2.34 -0.69 1.87
N LEU A 15 -1.50 0.26 2.16
CA LEU A 15 -0.14 -0.06 2.52
C LEU A 15 -0.09 -0.58 3.96
N CYS A 16 0.07 -1.86 4.10
CA CYS A 16 0.16 -2.47 5.40
C CYS A 16 1.56 -3.04 5.57
#